data_3RUO
#
_entry.id   3RUO
#
_cell.length_a   38.995
_cell.length_b   63.911
_cell.length_c   66.357
_cell.angle_alpha   90.00
_cell.angle_beta   90.43
_cell.angle_gamma   90.00
#
_symmetry.space_group_name_H-M   'P 1 21 1'
#
loop_
_entity.id
_entity.type
_entity.pdbx_description
1 polymer 'HEVB EV93 3C PROTEASE'
2 non-polymer '4-{2-(4-FLUORO-BENZYL)-6-METHYL-5-[(5-METHYL-ISOXAZOLE-3-CARBONYL)-AMINO]-4-OXO-HEPTANOYLAMINO}-5-(2-OXO-PYRROLIDIN-3-YL)-PENTANOIC ACID ETHYL ESTER'
3 non-polymer 'MAGNESIUM ION'
4 non-polymer 'CHLORIDE ION'
5 water water
#
_entity_poly.entity_id   1
_entity_poly.type   'polypeptide(L)'
_entity_poly.pdbx_seq_one_letter_code
;MKGPAFEFAVAMMKRNASTVKTEYGEFTMLGIYDRWAVLPRHAKPGPTILMNDQEVGVLDAKELVDKDGTNLELTLLKLN
RNEKFRDIRGFLAREEVEVNEAVLAINTSKFPNMYIPVGQVTDYGFLNLGGTPTKRMLVYNFPTRAGQCGGVLMSTGKVL
GIHVGGNGHQGFSAALLRHYFNEEQHHHHHH
;
_entity_poly.pdbx_strand_id   A,B
#
loop_
_chem_comp.id
_chem_comp.type
_chem_comp.name
_chem_comp.formula
AG7 non-polymer '4-{2-(4-FLUORO-BENZYL)-6-METHYL-5-[(5-METHYL-ISOXAZOLE-3-CARBONYL)-AMINO]-4-OXO-HEPTANOYLAMINO}-5-(2-OXO-PYRROLIDIN-3-YL)-PENTANOIC ACID ETHYL ESTER' 'C31 H41 F N4 O7'
CL non-polymer 'CHLORIDE ION' 'Cl -1'
MG non-polymer 'MAGNESIUM ION' 'Mg 2'
#
# COMPACT_ATOMS: atom_id res chain seq x y z
N MET A 1 5.79 -10.82 3.70
CA MET A 1 5.58 -11.36 2.33
C MET A 1 4.53 -12.47 2.33
N LYS A 2 4.21 -12.97 3.52
CA LYS A 2 3.30 -14.12 3.69
C LYS A 2 1.86 -13.75 3.41
N GLY A 3 1.17 -14.63 2.69
CA GLY A 3 -0.27 -14.53 2.45
C GLY A 3 -1.11 -14.40 3.71
N PRO A 4 -0.96 -15.34 4.67
CA PRO A 4 -1.71 -15.26 5.93
C PRO A 4 -1.52 -13.96 6.73
N ALA A 5 -0.33 -13.35 6.66
CA ALA A 5 -0.08 -12.08 7.34
C ALA A 5 -0.89 -10.95 6.72
N PHE A 6 -0.93 -10.89 5.40
CA PHE A 6 -1.77 -9.93 4.69
C PHE A 6 -3.26 -10.18 4.95
N GLU A 7 -3.68 -11.44 4.90
CA GLU A 7 -5.07 -11.80 5.19
C GLU A 7 -5.47 -11.27 6.56
N PHE A 8 -4.63 -11.54 7.56
CA PHE A 8 -4.81 -11.05 8.92
C PHE A 8 -4.86 -9.50 8.96
N ALA A 9 -3.90 -8.87 8.30
CA ALA A 9 -3.78 -7.42 8.30
C ALA A 9 -5.02 -6.73 7.72
N VAL A 10 -5.50 -7.23 6.58
CA VAL A 10 -6.66 -6.63 5.92
C VAL A 10 -7.90 -6.74 6.79
N ALA A 11 -8.11 -7.92 7.37
CA ALA A 11 -9.25 -8.13 8.27
C ALA A 11 -9.17 -7.23 9.50
N MET A 12 -7.95 -7.03 10.02
CA MET A 12 -7.75 -6.18 11.18
CA MET A 12 -7.75 -6.18 11.19
C MET A 12 -8.12 -4.74 10.89
N MET A 13 -7.66 -4.23 9.75
CA MET A 13 -7.91 -2.84 9.41
C MET A 13 -9.39 -2.62 9.13
N LYS A 14 -10.02 -3.58 8.45
CA LYS A 14 -11.42 -3.47 8.13
C LYS A 14 -12.25 -3.36 9.40
N ARG A 15 -11.95 -4.19 10.39
CA ARG A 15 -12.77 -4.26 11.61
C ARG A 15 -12.47 -3.15 12.60
N ASN A 16 -11.20 -2.80 12.77
CA ASN A 16 -10.82 -1.96 13.89
C ASN A 16 -10.10 -0.65 13.58
N ALA A 17 -9.74 -0.42 12.31
CA ALA A 17 -8.99 0.81 11.99
C ALA A 17 -9.84 1.89 11.36
N SER A 18 -9.37 3.12 11.51
CA SER A 18 -10.04 4.28 10.95
C SER A 18 -9.02 5.36 10.61
N THR A 19 -9.48 6.36 9.86
CA THR A 19 -8.68 7.55 9.56
C THR A 19 -9.05 8.65 10.54
N VAL A 20 -8.05 9.20 11.21
CA VAL A 20 -8.30 10.21 12.24
C VAL A 20 -7.53 11.49 11.97
N LYS A 21 -8.23 12.61 12.11
CA LYS A 21 -7.58 13.90 12.05
CA LYS A 21 -7.61 13.92 12.03
C LYS A 21 -7.66 14.57 13.42
N THR A 22 -6.49 15.02 13.87
CA THR A 22 -6.40 15.87 15.06
CA THR A 22 -6.35 15.85 15.07
C THR A 22 -5.94 17.25 14.59
N GLU A 23 -5.82 18.21 15.52
CA GLU A 23 -5.31 19.53 15.15
C GLU A 23 -3.85 19.45 14.65
N TYR A 24 -3.19 18.31 14.86
CA TYR A 24 -1.79 18.13 14.48
C TYR A 24 -1.58 17.35 13.17
N GLY A 25 -2.64 16.81 12.60
CA GLY A 25 -2.55 16.15 11.30
C GLY A 25 -3.43 14.93 11.17
N GLU A 26 -3.16 14.15 10.12
CA GLU A 26 -3.97 12.99 9.77
CA GLU A 26 -3.98 12.98 9.80
C GLU A 26 -3.21 11.68 10.02
N PHE A 27 -3.88 10.72 10.66
CA PHE A 27 -3.23 9.50 11.12
C PHE A 27 -4.12 8.29 10.91
N THR A 28 -3.53 7.10 10.95
CA THR A 28 -4.26 5.85 11.09
C THR A 28 -4.49 5.60 12.60
N MET A 29 -5.71 5.20 12.96
CA MET A 29 -6.03 4.88 14.36
C MET A 29 -6.48 3.43 14.47
N LEU A 30 -6.02 2.72 15.49
CA LEU A 30 -6.42 1.33 15.71
C LEU A 30 -7.24 1.20 16.99
N GLY A 31 -8.47 0.70 16.86
CA GLY A 31 -9.28 0.37 18.04
C GLY A 31 -8.77 -0.92 18.66
N ILE A 32 -8.83 -0.99 20.00
CA ILE A 32 -8.26 -2.12 20.73
C ILE A 32 -9.33 -2.98 21.42
N TYR A 33 -10.22 -2.35 22.20
CA TYR A 33 -11.35 -3.06 22.80
C TYR A 33 -12.34 -2.02 23.32
N ASP A 34 -13.60 -2.42 23.43
CA ASP A 34 -14.66 -1.52 23.84
C ASP A 34 -14.57 -0.20 23.07
N ARG A 35 -14.39 0.93 23.75
CA ARG A 35 -14.19 2.21 23.04
C ARG A 35 -12.76 2.74 23.18
N TRP A 36 -11.83 1.87 23.55
CA TRP A 36 -10.42 2.26 23.70
C TRP A 36 -9.65 2.04 22.40
N ALA A 37 -8.95 3.10 21.97
CA ALA A 37 -8.14 3.09 20.76
C ALA A 37 -6.73 3.60 21.05
N VAL A 38 -5.84 3.47 20.07
CA VAL A 38 -4.47 3.99 20.17
C VAL A 38 -4.09 4.86 18.97
N LEU A 39 -3.32 5.92 19.26
CA LEU A 39 -2.69 6.80 18.26
C LEU A 39 -1.23 6.99 18.64
N PRO A 40 -0.38 7.41 17.69
CA PRO A 40 0.96 7.88 18.08
C PRO A 40 0.80 9.06 19.04
N ARG A 41 1.69 9.18 20.02
CA ARG A 41 1.57 10.27 20.99
CA ARG A 41 1.59 10.27 20.99
C ARG A 41 1.65 11.63 20.29
N HIS A 42 2.46 11.73 19.24
CA HIS A 42 2.63 13.03 18.56
C HIS A 42 1.39 13.45 17.77
N ALA A 43 0.40 12.56 17.63
CA ALA A 43 -0.91 12.94 17.09
C ALA A 43 -1.60 13.96 18.02
N LYS A 44 -1.25 13.94 19.30
CA LYS A 44 -1.69 14.95 20.26
C LYS A 44 -3.22 15.18 20.22
N PRO A 45 -4.02 14.10 20.34
CA PRO A 45 -5.48 14.28 20.28
C PRO A 45 -6.01 15.21 21.37
N GLY A 46 -7.02 16.00 21.01
CA GLY A 46 -7.70 16.88 21.96
C GLY A 46 -9.03 16.28 22.40
N PRO A 47 -9.92 17.12 22.93
CA PRO A 47 -11.21 16.60 23.39
C PRO A 47 -12.17 16.15 22.26
N THR A 48 -11.87 16.55 21.03
CA THR A 48 -12.64 16.11 19.85
C THR A 48 -11.67 15.74 18.74
N ILE A 49 -11.91 14.58 18.11
CA ILE A 49 -11.17 14.17 16.91
C ILE A 49 -12.14 14.04 15.72
N LEU A 50 -11.57 14.03 14.51
CA LEU A 50 -12.34 13.64 13.34
C LEU A 50 -12.01 12.19 13.03
N MET A 51 -13.02 11.32 13.06
CA MET A 51 -12.86 9.90 12.80
C MET A 51 -13.69 9.56 11.56
N ASN A 52 -13.02 9.20 10.48
CA ASN A 52 -13.69 9.02 9.18
C ASN A 52 -14.63 10.20 8.90
N ASP A 53 -14.10 11.42 9.04
CA ASP A 53 -14.80 12.67 8.73
C ASP A 53 -15.93 13.04 9.72
N GLN A 54 -16.05 12.28 10.80
CA GLN A 54 -17.12 12.47 11.79
C GLN A 54 -16.52 13.01 13.10
N GLU A 55 -17.12 14.05 13.68
CA GLU A 55 -16.67 14.54 14.99
C GLU A 55 -16.99 13.50 16.08
N VAL A 56 -15.96 13.10 16.82
CA VAL A 56 -16.09 12.13 17.91
C VAL A 56 -15.46 12.71 19.16
N GLY A 57 -16.20 12.68 20.27
CA GLY A 57 -15.66 13.14 21.54
C GLY A 57 -14.67 12.17 22.15
N VAL A 58 -13.67 12.73 22.82
CA VAL A 58 -12.67 11.93 23.53
C VAL A 58 -12.95 12.09 25.01
N LEU A 59 -13.22 10.96 25.68
CA LEU A 59 -13.64 10.97 27.09
C LEU A 59 -12.47 10.88 28.05
N ASP A 60 -11.39 10.25 27.59
CA ASP A 60 -10.15 10.17 28.35
C ASP A 60 -9.02 9.91 27.37
N ALA A 61 -7.84 10.42 27.71
CA ALA A 61 -6.62 10.11 26.98
C ALA A 61 -5.53 9.78 27.99
N LYS A 62 -4.65 8.86 27.60
CA LYS A 62 -3.53 8.45 28.45
C LYS A 62 -2.28 8.40 27.61
N GLU A 63 -1.34 9.30 27.88
CA GLU A 63 -0.07 9.30 27.18
C GLU A 63 0.86 8.32 27.89
N LEU A 64 1.30 7.30 27.18
CA LEU A 64 2.06 6.21 27.79
C LEU A 64 3.53 6.53 27.98
N VAL A 65 3.98 6.28 29.20
CA VAL A 65 5.39 6.39 29.58
C VAL A 65 5.75 5.17 30.40
N ASP A 66 7.05 4.88 30.51
CA ASP A 66 7.47 3.76 31.34
C ASP A 66 7.54 4.14 32.82
N LYS A 67 8.02 3.21 33.65
CA LYS A 67 8.03 3.41 35.10
C LYS A 67 8.98 4.53 35.55
N ASP A 68 9.84 4.98 34.65
CA ASP A 68 10.72 6.10 34.93
C ASP A 68 10.34 7.37 34.16
N GLY A 69 9.17 7.35 33.53
CA GLY A 69 8.63 8.53 32.87
C GLY A 69 9.09 8.74 31.44
N THR A 70 9.81 7.74 30.89
CA THR A 70 10.36 7.87 29.55
C THR A 70 9.27 7.63 28.52
N ASN A 71 9.22 8.49 27.52
CA ASN A 71 8.27 8.41 26.42
C ASN A 71 8.21 7.03 25.77
N LEU A 72 6.98 6.54 25.56
CA LEU A 72 6.74 5.32 24.78
C LEU A 72 6.06 5.63 23.44
N GLU A 73 5.70 6.90 23.23
CA GLU A 73 5.21 7.42 21.94
C GLU A 73 3.83 6.88 21.51
N LEU A 74 3.02 6.54 22.50
CA LEU A 74 1.64 6.09 22.28
C LEU A 74 0.69 6.83 23.17
N THR A 75 -0.49 7.14 22.64
CA THR A 75 -1.57 7.70 23.45
C THR A 75 -2.79 6.82 23.29
N LEU A 76 -3.35 6.41 24.42
CA LEU A 76 -4.60 5.67 24.43
C LEU A 76 -5.75 6.65 24.57
N LEU A 77 -6.82 6.43 23.80
CA LEU A 77 -7.99 7.32 23.71
CA LEU A 77 -7.95 7.32 23.87
C LEU A 77 -9.26 6.56 23.97
N LYS A 78 -10.12 7.07 24.83
CA LYS A 78 -11.42 6.48 25.07
C LYS A 78 -12.47 7.34 24.37
N LEU A 79 -13.17 6.74 23.42
CA LEU A 79 -14.06 7.46 22.49
C LEU A 79 -15.51 7.48 22.96
N ASN A 80 -16.15 8.64 22.77
CA ASN A 80 -17.59 8.76 23.04
C ASN A 80 -18.36 8.25 21.84
N ARG A 81 -18.38 6.93 21.69
CA ARG A 81 -19.19 6.31 20.66
C ARG A 81 -19.89 5.08 21.20
N ASN A 82 -20.97 4.71 20.52
CA ASN A 82 -21.78 3.57 20.95
C ASN A 82 -21.31 2.25 20.31
N GLU A 83 -20.73 2.31 19.12
CA GLU A 83 -20.09 1.14 18.51
C GLU A 83 -18.88 0.69 19.33
N LYS A 84 -18.70 -0.62 19.49
CA LYS A 84 -17.54 -1.20 20.18
C LYS A 84 -16.55 -1.83 19.20
N PHE A 85 -15.25 -1.73 19.52
CA PHE A 85 -14.23 -2.41 18.74
C PHE A 85 -14.24 -3.90 19.04
N ARG A 86 -13.80 -4.71 18.07
CA ARG A 86 -13.49 -6.11 18.35
C ARG A 86 -12.32 -6.11 19.33
N ASP A 87 -12.41 -6.92 20.39
CA ASP A 87 -11.34 -7.00 21.38
C ASP A 87 -10.13 -7.74 20.79
N ILE A 88 -9.07 -6.99 20.52
CA ILE A 88 -7.86 -7.53 19.90
C ILE A 88 -6.70 -7.61 20.88
N ARG A 89 -6.99 -7.53 22.17
CA ARG A 89 -5.91 -7.58 23.17
C ARG A 89 -5.13 -8.89 23.13
N GLY A 90 -5.78 -9.99 22.75
CA GLY A 90 -5.10 -11.28 22.63
C GLY A 90 -4.04 -11.32 21.54
N PHE A 91 -4.07 -10.34 20.63
CA PHE A 91 -3.07 -10.26 19.56
C PHE A 91 -1.86 -9.40 19.97
N LEU A 92 -1.91 -8.84 21.17
CA LEU A 92 -0.83 -8.01 21.72
C LEU A 92 0.04 -8.84 22.64
N ALA A 93 1.35 -8.67 22.50
CA ALA A 93 2.33 -9.43 23.28
C ALA A 93 2.57 -8.85 24.67
N ARG A 94 3.22 -9.66 25.50
CA ARG A 94 3.68 -9.24 26.83
C ARG A 94 4.97 -8.43 26.76
N GLU A 95 5.74 -8.61 25.67
CA GLU A 95 7.00 -7.88 25.49
C GLU A 95 7.24 -7.63 24.00
N GLU A 96 8.19 -6.75 23.70
CA GLU A 96 8.46 -6.33 22.32
C GLU A 96 8.68 -7.49 21.38
N VAL A 97 7.92 -7.51 20.28
CA VAL A 97 7.94 -8.63 19.32
C VAL A 97 8.94 -8.40 18.18
N GLU A 98 9.68 -9.46 17.85
CA GLU A 98 10.47 -9.54 16.62
C GLU A 98 9.84 -10.56 15.67
N VAL A 99 9.91 -10.29 14.37
CA VAL A 99 9.42 -11.25 13.35
C VAL A 99 10.31 -11.20 12.12
N ASN A 100 10.28 -12.29 11.33
CA ASN A 100 11.01 -12.32 10.08
C ASN A 100 10.34 -11.53 8.96
N GLU A 101 9.01 -11.47 8.98
CA GLU A 101 8.21 -10.80 7.94
C GLU A 101 7.03 -10.09 8.55
N ALA A 102 6.97 -8.78 8.36
CA ALA A 102 5.85 -8.00 8.86
C ALA A 102 5.19 -7.23 7.73
N VAL A 103 3.94 -6.86 7.94
CA VAL A 103 3.19 -6.01 7.04
C VAL A 103 2.81 -4.74 7.80
N LEU A 104 3.08 -3.57 7.20
CA LEU A 104 2.64 -2.29 7.74
C LEU A 104 1.39 -1.82 6.99
N ALA A 105 0.31 -1.58 7.72
CA ALA A 105 -0.97 -1.22 7.13
C ALA A 105 -1.34 0.23 7.42
N ILE A 106 -1.66 0.99 6.36
CA ILE A 106 -1.97 2.43 6.46
C ILE A 106 -3.38 2.69 5.95
N ASN A 107 -4.12 3.55 6.66
CA ASN A 107 -5.46 3.96 6.24
CA ASN A 107 -5.41 4.02 6.11
C ASN A 107 -5.63 5.49 6.38
N THR A 108 -5.14 6.27 5.43
CA THR A 108 -5.33 7.74 5.47
C THR A 108 -5.77 8.25 4.10
N SER A 109 -6.08 9.54 4.01
CA SER A 109 -6.46 10.13 2.72
CA SER A 109 -6.46 10.12 2.72
C SER A 109 -5.34 10.00 1.68
N LYS A 110 -4.09 10.08 2.15
CA LYS A 110 -2.91 9.92 1.28
C LYS A 110 -2.69 8.48 0.88
N PHE A 111 -2.90 7.56 1.82
CA PHE A 111 -2.68 6.13 1.59
C PHE A 111 -3.92 5.36 2.07
N PRO A 112 -5.01 5.27 1.27
N PRO A 112 -4.95 5.32 1.20
CA PRO A 112 -6.30 4.84 1.89
CA PRO A 112 -6.16 4.59 1.45
C PRO A 112 -6.45 3.42 2.49
C PRO A 112 -5.90 3.12 1.24
N ASN A 113 -5.88 2.42 1.82
N ASN A 113 -6.08 2.36 2.31
CA ASN A 113 -5.92 1.06 2.34
CA ASN A 113 -6.02 0.91 2.26
C ASN A 113 -4.74 0.33 1.74
C ASN A 113 -4.72 0.36 1.65
N MET A 114 -3.57 0.77 2.17
CA MET A 114 -2.30 0.27 1.65
CA MET A 114 -2.32 0.26 1.64
CA MET A 114 -2.25 0.35 1.67
C MET A 114 -1.57 -0.63 2.64
N TYR A 115 -0.98 -1.68 2.10
CA TYR A 115 -0.25 -2.68 2.87
C TYR A 115 1.15 -2.80 2.31
N ILE A 116 2.14 -2.76 3.19
CA ILE A 116 3.55 -2.78 2.77
C ILE A 116 4.30 -3.93 3.44
N PRO A 117 4.92 -4.82 2.65
CA PRO A 117 5.76 -5.87 3.24
C PRO A 117 7.12 -5.27 3.66
N VAL A 118 7.30 -5.06 4.96
CA VAL A 118 8.50 -4.34 5.42
C VAL A 118 9.68 -5.26 5.80
N GLY A 119 9.51 -6.58 5.67
CA GLY A 119 10.57 -7.51 6.03
C GLY A 119 10.71 -7.69 7.54
N GLN A 120 11.94 -7.90 7.99
CA GLN A 120 12.20 -8.23 9.39
C GLN A 120 11.99 -7.05 10.33
N VAL A 121 11.48 -7.36 11.53
CA VAL A 121 11.34 -6.38 12.59
C VAL A 121 12.24 -6.75 13.76
N THR A 122 13.07 -5.79 14.16
CA THR A 122 14.02 -5.97 15.26
C THR A 122 13.62 -5.11 16.46
N ASP A 123 13.79 -5.67 17.66
CA ASP A 123 13.59 -4.93 18.89
C ASP A 123 14.82 -4.03 19.07
N TYR A 124 14.66 -2.76 18.71
CA TYR A 124 15.80 -1.83 18.69
C TYR A 124 16.03 -1.18 20.05
N GLY A 125 14.95 -0.91 20.76
CA GLY A 125 15.02 -0.37 22.12
C GLY A 125 15.01 1.16 22.15
N PHE A 126 16.10 1.75 22.63
CA PHE A 126 16.18 3.20 22.81
C PHE A 126 16.45 3.94 21.52
N LEU A 127 15.76 5.07 21.34
CA LEU A 127 15.99 5.97 20.23
C LEU A 127 15.64 7.40 20.65
N ASN A 128 16.51 8.36 20.33
CA ASN A 128 16.10 9.75 20.44
C ASN A 128 15.32 10.10 19.18
N LEU A 129 14.00 10.17 19.32
CA LEU A 129 13.09 10.30 18.20
C LEU A 129 12.49 11.70 18.16
N GLY A 130 12.76 12.44 17.08
CA GLY A 130 12.33 13.82 16.96
C GLY A 130 12.72 14.70 18.14
N GLY A 131 13.89 14.43 18.72
CA GLY A 131 14.36 15.17 19.88
C GLY A 131 13.87 14.69 21.24
N THR A 132 13.09 13.61 21.25
CA THR A 132 12.51 13.07 22.47
C THR A 132 13.06 11.66 22.77
N PRO A 133 13.73 11.50 23.93
CA PRO A 133 14.20 10.16 24.31
C PRO A 133 13.00 9.20 24.43
N THR A 134 13.08 8.09 23.71
CA THR A 134 11.94 7.16 23.56
C THR A 134 12.41 5.72 23.68
N LYS A 135 11.57 4.87 24.26
CA LYS A 135 11.94 3.47 24.48
C LYS A 135 11.00 2.50 23.76
N ARG A 136 11.42 1.23 23.71
CA ARG A 136 10.63 0.12 23.14
C ARG A 136 10.31 0.31 21.66
N MET A 137 11.31 0.82 20.94
CA MET A 137 11.22 0.97 19.47
C MET A 137 11.50 -0.33 18.74
N LEU A 138 10.65 -0.62 17.76
CA LEU A 138 10.86 -1.70 16.80
C LEU A 138 11.30 -1.11 15.46
N VAL A 139 12.33 -1.68 14.83
CA VAL A 139 12.88 -1.10 13.60
C VAL A 139 12.70 -2.06 12.41
N TYR A 140 12.51 -1.48 11.24
CA TYR A 140 12.36 -2.21 9.97
C TYR A 140 12.82 -1.31 8.83
N ASN A 141 13.25 -1.92 7.74
CA ASN A 141 13.82 -1.18 6.63
C ASN A 141 12.90 -1.18 5.42
N PHE A 142 12.34 -0.02 5.13
CA PHE A 142 11.51 0.18 3.93
CA PHE A 142 11.46 0.19 3.97
C PHE A 142 11.52 1.67 3.57
N PRO A 143 11.17 2.02 2.32
CA PRO A 143 11.15 3.46 2.02
C PRO A 143 10.00 4.22 2.72
N THR A 144 10.32 4.87 3.85
CA THR A 144 9.33 5.53 4.70
C THR A 144 8.78 6.81 4.05
N ARG A 145 7.54 7.19 4.41
CA ARG A 145 6.94 8.44 3.93
C ARG A 145 6.14 9.16 5.02
N ALA A 146 6.08 10.48 4.90
CA ALA A 146 5.20 11.30 5.74
C ALA A 146 3.76 10.83 5.57
N GLY A 147 2.99 10.85 6.66
CA GLY A 147 1.60 10.40 6.61
C GLY A 147 1.34 8.94 6.95
N GLN A 148 2.40 8.21 7.29
CA GLN A 148 2.27 6.79 7.63
C GLN A 148 2.21 6.56 9.14
N CYS A 149 2.24 7.63 9.92
CA CYS A 149 2.16 7.45 11.38
C CYS A 149 0.80 6.99 11.85
N GLY A 150 0.82 6.05 12.78
CA GLY A 150 -0.38 5.35 13.17
C GLY A 150 -0.56 4.05 12.42
N GLY A 151 0.22 3.86 11.34
CA GLY A 151 0.19 2.60 10.58
C GLY A 151 0.40 1.42 11.50
N VAL A 152 -0.29 0.32 11.21
CA VAL A 152 -0.33 -0.82 12.12
C VAL A 152 0.60 -1.91 11.63
N LEU A 153 1.58 -2.26 12.47
CA LEU A 153 2.61 -3.23 12.14
C LEU A 153 2.18 -4.62 12.61
N MET A 154 2.06 -5.55 11.68
CA MET A 154 1.47 -6.86 11.97
C MET A 154 2.20 -8.02 11.33
N SER A 155 1.94 -9.20 11.87
CA SER A 155 2.25 -10.45 11.19
CA SER A 155 2.26 -10.46 11.21
C SER A 155 1.09 -11.40 11.49
N THR A 156 1.14 -12.65 11.04
CA THR A 156 -0.04 -13.51 11.23
C THR A 156 -0.38 -13.65 12.72
N GLY A 157 -1.58 -13.22 13.07
CA GLY A 157 -2.06 -13.31 14.45
C GLY A 157 -1.32 -12.45 15.46
N LYS A 158 -0.59 -11.45 14.98
CA LYS A 158 0.23 -10.61 15.84
C LYS A 158 0.08 -9.15 15.47
N VAL A 159 -0.31 -8.32 16.43
CA VAL A 159 -0.17 -6.86 16.27
C VAL A 159 1.07 -6.45 17.04
N LEU A 160 2.12 -6.03 16.33
CA LEU A 160 3.40 -5.70 16.96
C LEU A 160 3.48 -4.29 17.52
N GLY A 161 2.93 -3.33 16.79
CA GLY A 161 3.10 -1.94 17.18
C GLY A 161 2.51 -0.98 16.18
N ILE A 162 2.79 0.31 16.41
CA ILE A 162 2.22 1.42 15.67
C ILE A 162 3.36 2.26 15.12
N HIS A 163 3.32 2.58 13.83
CA HIS A 163 4.39 3.35 13.22
C HIS A 163 4.42 4.78 13.75
N VAL A 164 5.59 5.22 14.21
CA VAL A 164 5.69 6.56 14.83
C VAL A 164 6.80 7.44 14.29
N GLY A 165 7.73 6.88 13.52
CA GLY A 165 8.86 7.67 13.08
C GLY A 165 9.77 6.96 12.11
N GLY A 166 10.80 7.69 11.69
CA GLY A 166 11.77 7.16 10.76
C GLY A 166 12.42 8.26 9.95
N ASN A 167 13.31 7.85 9.06
CA ASN A 167 14.03 8.75 8.17
C ASN A 167 14.54 7.88 7.04
N GLY A 168 14.37 8.35 5.81
CA GLY A 168 14.88 7.64 4.64
C GLY A 168 14.30 6.25 4.51
N HIS A 169 15.17 5.24 4.61
CA HIS A 169 14.74 3.85 4.45
C HIS A 169 14.67 3.07 5.77
N GLN A 170 14.46 3.79 6.88
CA GLN A 170 14.36 3.17 8.19
C GLN A 170 13.10 3.65 8.91
N GLY A 171 12.29 2.71 9.35
CA GLY A 171 11.05 3.03 10.05
C GLY A 171 11.05 2.47 11.46
N PHE A 172 10.30 3.12 12.35
CA PHE A 172 10.18 2.69 13.75
C PHE A 172 8.76 2.65 14.22
N SER A 173 8.42 1.57 14.91
CA SER A 173 7.13 1.45 15.61
C SER A 173 7.32 1.46 17.11
N ALA A 174 6.32 1.99 17.82
CA ALA A 174 6.22 1.81 19.25
C ALA A 174 5.57 0.45 19.50
N ALA A 175 6.20 -0.38 20.34
CA ALA A 175 5.65 -1.71 20.61
C ALA A 175 4.29 -1.57 21.30
N LEU A 176 3.32 -2.35 20.85
CA LEU A 176 1.99 -2.27 21.44
C LEU A 176 1.76 -3.48 22.38
N LEU A 177 1.95 -3.26 23.68
CA LEU A 177 1.99 -4.35 24.66
C LEU A 177 0.68 -4.51 25.40
N ARG A 178 0.33 -5.75 25.73
CA ARG A 178 -0.97 -6.04 26.30
C ARG A 178 -1.20 -5.33 27.63
N HIS A 179 -0.16 -5.20 28.46
CA HIS A 179 -0.31 -4.61 29.80
CA HIS A 179 -0.35 -4.63 29.80
C HIS A 179 -0.61 -3.12 29.77
N TYR A 180 -0.42 -2.49 28.62
CA TYR A 180 -0.75 -1.06 28.48
C TYR A 180 -2.23 -0.80 28.70
N PHE A 181 -3.03 -1.85 28.58
CA PHE A 181 -4.47 -1.70 28.71
C PHE A 181 -5.01 -2.06 30.08
N ASN A 182 -4.10 -2.38 30.99
CA ASN A 182 -4.42 -2.58 32.40
C ASN A 182 -4.13 -1.34 33.22
N GLU A 183 -5.12 -0.86 33.97
CA GLU A 183 -4.93 0.29 34.84
C GLU A 183 -3.56 0.22 35.50
N GLU A 184 -3.02 -1.00 35.58
CA GLU A 184 -1.68 -1.22 36.13
C GLU A 184 -1.37 -2.71 36.21
N LYS B 2 -8.08 -13.41 0.49
CA LYS B 2 -7.19 -12.37 -0.11
C LYS B 2 -5.70 -12.74 -0.04
N GLY B 3 -5.37 -13.61 0.92
CA GLY B 3 -3.98 -13.98 1.21
C GLY B 3 -3.13 -14.44 0.03
N PRO B 4 -3.56 -15.52 -0.65
CA PRO B 4 -2.81 -16.03 -1.81
C PRO B 4 -2.52 -14.97 -2.88
N ALA B 5 -3.47 -14.06 -3.11
CA ALA B 5 -3.29 -12.97 -4.06
C ALA B 5 -2.14 -12.05 -3.65
N PHE B 6 -2.09 -11.66 -2.38
CA PHE B 6 -0.99 -10.83 -1.87
C PHE B 6 0.38 -11.53 -2.00
N GLU B 7 0.43 -12.82 -1.65
CA GLU B 7 1.66 -13.60 -1.68
C GLU B 7 2.22 -13.67 -3.11
N PHE B 8 1.34 -13.96 -4.07
CA PHE B 8 1.68 -13.96 -5.49
C PHE B 8 2.14 -12.57 -5.95
N ALA B 9 1.43 -11.53 -5.51
CA ALA B 9 1.72 -10.17 -5.93
C ALA B 9 3.10 -9.69 -5.48
N VAL B 10 3.44 -9.96 -4.23
CA VAL B 10 4.73 -9.50 -3.68
C VAL B 10 5.90 -10.14 -4.44
N ALA B 11 5.83 -11.46 -4.67
CA ALA B 11 6.87 -12.16 -5.42
C ALA B 11 6.99 -11.62 -6.86
N MET B 12 5.85 -11.36 -7.49
CA MET B 12 5.84 -10.84 -8.87
C MET B 12 6.53 -9.50 -8.98
N MET B 13 6.23 -8.61 -8.04
CA MET B 13 6.80 -7.26 -8.08
C MET B 13 8.29 -7.26 -7.83
N LYS B 14 8.74 -8.08 -6.87
CA LYS B 14 10.17 -8.18 -6.55
C LYS B 14 10.95 -8.57 -7.82
N ARG B 15 10.41 -9.52 -8.56
CA ARG B 15 11.12 -10.11 -9.71
C ARG B 15 10.97 -9.32 -11.01
N ASN B 16 9.80 -8.72 -11.24
CA ASN B 16 9.45 -8.21 -12.57
C ASN B 16 9.11 -6.72 -12.67
N ALA B 17 8.98 -6.04 -11.54
CA ALA B 17 8.55 -4.63 -11.55
C ALA B 17 9.68 -3.65 -11.31
N SER B 18 9.52 -2.46 -11.90
CA SER B 18 10.42 -1.34 -11.72
C SER B 18 9.62 -0.04 -11.69
N THR B 19 10.32 1.04 -11.35
CA THR B 19 9.74 2.38 -11.35
C THR B 19 10.26 3.14 -12.56
N VAL B 20 9.34 3.68 -13.36
CA VAL B 20 9.70 4.40 -14.59
C VAL B 20 9.20 5.85 -14.58
N LYS B 21 10.10 6.75 -14.93
CA LYS B 21 9.73 8.16 -15.09
C LYS B 21 9.79 8.55 -16.56
N THR B 22 8.72 9.20 -17.02
CA THR B 22 8.68 9.90 -18.31
C THR B 22 8.28 11.35 -18.06
N GLU B 23 8.15 12.15 -19.12
CA GLU B 23 7.63 13.52 -18.98
C GLU B 23 6.22 13.53 -18.36
N TYR B 24 5.49 12.43 -18.52
CA TYR B 24 4.09 12.40 -18.09
C TYR B 24 3.88 11.78 -16.71
N GLY B 25 4.98 11.51 -16.01
CA GLY B 25 4.94 11.19 -14.60
C GLY B 25 5.72 9.93 -14.26
N GLU B 26 5.44 9.41 -13.07
CA GLU B 26 6.10 8.24 -12.55
C GLU B 26 5.11 7.09 -12.58
N PHE B 27 5.58 5.94 -13.07
CA PHE B 27 4.76 4.77 -13.33
C PHE B 27 5.38 3.53 -12.73
N THR B 28 4.54 2.55 -12.45
CA THR B 28 4.98 1.20 -12.19
C THR B 28 5.10 0.52 -13.55
N MET B 29 6.20 -0.21 -13.77
CA MET B 29 6.39 -0.90 -15.05
C MET B 29 6.64 -2.38 -14.83
N LEU B 30 5.85 -3.20 -15.51
CA LEU B 30 5.98 -4.65 -15.40
C LEU B 30 6.74 -5.20 -16.61
N GLY B 31 7.84 -5.91 -16.33
CA GLY B 31 8.55 -6.67 -17.36
C GLY B 31 7.84 -7.98 -17.60
N ILE B 32 7.74 -8.38 -18.87
CA ILE B 32 6.92 -9.53 -19.26
C ILE B 32 7.78 -10.74 -19.63
N TYR B 33 8.74 -10.53 -20.54
CA TYR B 33 9.67 -11.58 -20.95
C TYR B 33 10.78 -10.94 -21.76
N ASP B 34 11.89 -11.66 -21.88
CA ASP B 34 13.08 -11.16 -22.58
CA ASP B 34 13.08 -11.16 -22.59
C ASP B 34 13.34 -9.70 -22.20
N ARG B 35 13.28 -8.80 -23.17
CA ARG B 35 13.46 -7.37 -22.86
C ARG B 35 12.19 -6.56 -23.07
N TRP B 36 11.04 -7.24 -23.09
CA TRP B 36 9.74 -6.61 -23.31
C TRP B 36 9.03 -6.28 -22.00
N ALA B 37 8.59 -5.03 -21.89
CA ALA B 37 7.85 -4.55 -20.73
C ALA B 37 6.58 -3.81 -21.18
N VAL B 38 5.71 -3.50 -20.22
CA VAL B 38 4.45 -2.79 -20.51
C VAL B 38 4.26 -1.53 -19.65
N LEU B 39 3.77 -0.47 -20.30
CA LEU B 39 3.39 0.79 -19.65
C LEU B 39 2.00 1.20 -20.13
N PRO B 40 1.28 2.01 -19.33
CA PRO B 40 0.07 2.63 -19.87
C PRO B 40 0.45 3.49 -21.07
N ARG B 41 -0.40 3.52 -22.10
CA ARG B 41 -0.11 4.31 -23.29
C ARG B 41 0.16 5.79 -22.95
N HIS B 42 -0.60 6.33 -22.01
CA HIS B 42 -0.51 7.73 -21.54
CA HIS B 42 -0.47 7.75 -21.69
C HIS B 42 0.89 8.13 -21.06
N ALA B 43 1.67 7.13 -20.66
CA ALA B 43 3.05 7.36 -20.22
C ALA B 43 3.91 7.99 -21.33
N LYS B 44 3.52 7.73 -22.57
CA LYS B 44 4.17 8.28 -23.76
C LYS B 44 5.70 8.27 -23.66
N PRO B 45 6.30 7.07 -23.48
CA PRO B 45 7.76 6.96 -23.36
C PRO B 45 8.47 7.52 -24.59
N GLY B 46 9.58 8.22 -24.36
CA GLY B 46 10.44 8.70 -25.43
C GLY B 46 11.46 7.64 -25.83
N PRO B 47 12.50 8.03 -26.59
CA PRO B 47 13.52 7.05 -27.00
C PRO B 47 14.36 6.52 -25.83
N THR B 48 14.30 7.22 -24.70
CA THR B 48 14.93 6.77 -23.45
CA THR B 48 14.95 6.80 -23.47
C THR B 48 13.94 6.95 -22.32
N ILE B 49 13.99 6.03 -21.36
CA ILE B 49 13.17 6.15 -20.15
C ILE B 49 14.11 6.15 -18.96
N LEU B 50 13.62 6.64 -17.82
CA LEU B 50 14.35 6.51 -16.57
CA LEU B 50 14.34 6.50 -16.57
C LEU B 50 13.76 5.32 -15.80
N MET B 51 14.54 4.25 -15.69
CA MET B 51 14.10 3.01 -15.05
C MET B 51 14.92 2.81 -13.79
N ASN B 52 14.27 2.83 -12.63
CA ASN B 52 14.98 2.84 -11.34
C ASN B 52 16.14 3.85 -11.35
N ASP B 53 15.83 5.07 -11.79
CA ASP B 53 16.77 6.21 -11.79
C ASP B 53 17.92 6.08 -12.80
N GLN B 54 17.82 5.13 -13.73
CA GLN B 54 18.89 4.88 -14.71
C GLN B 54 18.33 5.06 -16.11
N GLU B 55 19.10 5.72 -16.99
CA GLU B 55 18.69 5.92 -18.37
CA GLU B 55 18.69 5.93 -18.37
C GLU B 55 18.77 4.62 -19.14
N VAL B 56 17.65 4.22 -19.74
CA VAL B 56 17.57 2.97 -20.49
C VAL B 56 16.98 3.28 -21.86
N GLY B 57 17.69 2.85 -22.91
CA GLY B 57 17.22 3.03 -24.29
C GLY B 57 16.01 2.18 -24.63
N VAL B 58 15.08 2.79 -25.38
CA VAL B 58 13.91 2.08 -25.89
C VAL B 58 14.16 1.72 -27.36
N LEU B 59 14.20 0.43 -27.66
CA LEU B 59 14.49 -0.04 -29.02
C LEU B 59 13.25 -0.04 -29.92
N ASP B 60 12.09 -0.28 -29.31
CA ASP B 60 10.82 -0.38 -30.03
C ASP B 60 9.70 -0.07 -29.04
N ALA B 61 8.68 0.64 -29.52
CA ALA B 61 7.47 0.92 -28.73
C ALA B 61 6.24 0.65 -29.61
N LYS B 62 5.34 -0.17 -29.08
CA LYS B 62 4.12 -0.56 -29.79
CA LYS B 62 4.13 -0.58 -29.79
C LYS B 62 2.90 -0.16 -28.98
N GLU B 63 2.13 0.79 -29.50
CA GLU B 63 0.87 1.21 -28.87
C GLU B 63 -0.24 0.29 -29.33
N LEU B 64 -0.79 -0.47 -28.39
CA LEU B 64 -1.72 -1.52 -28.76
C LEU B 64 -3.13 -1.04 -29.07
N VAL B 65 -3.65 -1.54 -30.19
CA VAL B 65 -5.03 -1.30 -30.59
C VAL B 65 -5.66 -2.63 -31.00
N ASP B 66 -6.99 -2.71 -30.98
CA ASP B 66 -7.66 -3.94 -31.42
C ASP B 66 -7.75 -3.98 -32.94
N LYS B 67 -8.45 -4.99 -33.46
CA LYS B 67 -8.48 -5.24 -34.92
C LYS B 67 -9.14 -4.11 -35.70
N ASP B 68 -9.90 -3.25 -35.00
CA ASP B 68 -10.54 -2.10 -35.62
C ASP B 68 -9.94 -0.76 -35.18
N GLY B 69 -8.73 -0.83 -34.63
CA GLY B 69 -7.97 0.36 -34.31
C GLY B 69 -8.33 1.03 -33.00
N THR B 70 -9.17 0.38 -32.20
CA THR B 70 -9.63 0.95 -30.93
C THR B 70 -8.55 0.85 -29.87
N ASN B 71 -8.30 1.96 -29.19
CA ASN B 71 -7.30 2.05 -28.12
C ASN B 71 -7.44 0.98 -27.05
N LEU B 72 -6.32 0.36 -26.69
CA LEU B 72 -6.29 -0.58 -25.57
C LEU B 72 -5.53 -0.03 -24.36
N GLU B 73 -4.96 1.17 -24.52
CA GLU B 73 -4.31 1.94 -23.44
C GLU B 73 -3.02 1.30 -22.90
N LEU B 74 -2.37 0.51 -23.74
CA LEU B 74 -1.11 -0.16 -23.41
C LEU B 74 -0.04 0.14 -24.45
N THR B 75 1.18 0.36 -23.97
CA THR B 75 2.34 0.45 -24.85
C THR B 75 3.35 -0.62 -24.42
N LEU B 76 3.74 -1.44 -25.38
CA LEU B 76 4.77 -2.45 -25.16
C LEU B 76 6.10 -1.85 -25.57
N LEU B 77 7.09 -1.99 -24.70
CA LEU B 77 8.40 -1.47 -25.01
CA LEU B 77 8.43 -1.43 -24.88
C LEU B 77 9.47 -2.55 -24.92
N LYS B 78 10.37 -2.50 -25.91
CA LYS B 78 11.53 -3.40 -25.91
C LYS B 78 12.71 -2.56 -25.45
N LEU B 79 13.36 -2.99 -24.37
CA LEU B 79 14.41 -2.22 -23.71
C LEU B 79 15.80 -2.64 -24.14
N ASN B 80 16.70 -1.67 -24.26
CA ASN B 80 18.09 -1.96 -24.53
C ASN B 80 18.83 -2.26 -23.23
N ARG B 81 18.64 -3.50 -22.76
CA ARG B 81 19.23 -4.01 -21.51
C ARG B 81 19.78 -5.40 -21.76
N ASN B 82 20.79 -5.77 -20.99
CA ASN B 82 21.34 -7.11 -21.09
C ASN B 82 20.57 -8.12 -20.24
N GLU B 83 20.15 -7.69 -19.05
CA GLU B 83 19.30 -8.51 -18.19
C GLU B 83 17.95 -8.81 -18.85
N LYS B 84 17.53 -10.07 -18.79
CA LYS B 84 16.22 -10.47 -19.28
C LYS B 84 15.24 -10.54 -18.13
N PHE B 85 13.98 -10.18 -18.39
CA PHE B 85 12.92 -10.39 -17.43
C PHE B 85 12.58 -11.86 -17.32
N ARG B 86 12.19 -12.28 -16.11
CA ARG B 86 11.62 -13.60 -15.90
C ARG B 86 10.34 -13.70 -16.74
N ASP B 87 10.20 -14.78 -17.50
CA ASP B 87 9.05 -14.93 -18.39
C ASP B 87 7.77 -15.19 -17.60
N ILE B 88 6.85 -14.23 -17.62
CA ILE B 88 5.57 -14.35 -16.89
C ILE B 88 4.35 -14.46 -17.81
N ARG B 89 4.58 -14.79 -19.08
CA ARG B 89 3.48 -14.92 -20.04
C ARG B 89 2.47 -16.01 -19.67
N GLY B 90 2.93 -17.03 -18.94
CA GLY B 90 2.04 -18.12 -18.51
C GLY B 90 1.00 -17.67 -17.48
N PHE B 91 1.23 -16.50 -16.87
CA PHE B 91 0.27 -15.95 -15.91
C PHE B 91 -0.78 -15.04 -16.56
N LEU B 92 -0.67 -14.89 -17.88
CA LEU B 92 -1.60 -14.05 -18.65
C LEU B 92 -2.68 -14.87 -19.32
N ALA B 93 -3.91 -14.39 -19.19
CA ALA B 93 -5.08 -15.06 -19.75
C ALA B 93 -5.26 -14.75 -21.24
N ARG B 94 -6.09 -15.56 -21.88
CA ARG B 94 -6.46 -15.38 -23.28
C ARG B 94 -7.56 -14.33 -23.41
N GLU B 95 -8.44 -14.28 -22.42
CA GLU B 95 -9.50 -13.28 -22.39
C GLU B 95 -9.53 -12.54 -21.07
N GLU B 96 -10.35 -11.49 -21.01
CA GLU B 96 -10.50 -10.67 -19.81
C GLU B 96 -10.96 -11.50 -18.60
N VAL B 97 -10.23 -11.34 -17.50
CA VAL B 97 -10.46 -12.14 -16.28
C VAL B 97 -11.28 -11.37 -15.25
N GLU B 98 -12.26 -12.07 -14.69
CA GLU B 98 -13.04 -11.58 -13.54
C GLU B 98 -12.71 -12.42 -12.31
N VAL B 99 -12.54 -11.74 -11.18
CA VAL B 99 -12.25 -12.40 -9.89
C VAL B 99 -12.99 -11.74 -8.73
N ASN B 100 -13.18 -12.47 -7.64
CA ASN B 100 -13.82 -11.92 -6.45
C ASN B 100 -12.89 -11.07 -5.61
N GLU B 101 -11.58 -11.36 -5.65
CA GLU B 101 -10.61 -10.62 -4.85
C GLU B 101 -9.33 -10.43 -5.64
N ALA B 102 -8.97 -9.17 -5.86
CA ALA B 102 -7.72 -8.82 -6.52
C ALA B 102 -6.89 -7.88 -5.66
N VAL B 103 -5.60 -7.86 -5.98
CA VAL B 103 -4.63 -6.95 -5.35
C VAL B 103 -4.02 -6.08 -6.43
N LEU B 104 -3.97 -4.78 -6.18
CA LEU B 104 -3.29 -3.84 -7.05
C LEU B 104 -1.96 -3.45 -6.42
N ALA B 105 -0.87 -3.64 -7.16
CA ALA B 105 0.48 -3.44 -6.61
C ALA B 105 1.16 -2.26 -7.30
N ILE B 106 1.67 -1.33 -6.49
CA ILE B 106 2.26 -0.08 -6.98
C ILE B 106 3.69 0.00 -6.46
N ASN B 107 4.61 0.47 -7.32
CA ASN B 107 5.96 0.78 -6.85
CA ASN B 107 6.00 0.68 -6.97
C ASN B 107 6.52 2.01 -7.53
N THR B 108 6.33 3.13 -6.86
CA THR B 108 6.85 4.43 -7.30
C THR B 108 7.42 5.17 -6.09
N SER B 109 7.98 6.36 -6.30
CA SER B 109 8.51 7.13 -5.18
CA SER B 109 8.51 7.15 -5.19
C SER B 109 7.40 7.59 -4.24
N LYS B 110 6.21 7.82 -4.80
CA LYS B 110 5.05 8.25 -4.00
CA LYS B 110 5.05 8.25 -4.01
C LYS B 110 4.46 7.08 -3.23
N PHE B 111 4.46 5.90 -3.87
CA PHE B 111 3.90 4.67 -3.29
C PHE B 111 4.92 3.52 -3.42
N PRO B 112 5.98 3.43 -2.59
N PRO B 112 5.88 3.55 -2.47
CA PRO B 112 7.16 2.56 -3.03
CA PRO B 112 6.90 2.57 -2.24
C PRO B 112 7.05 1.02 -3.30
C PRO B 112 6.31 1.32 -1.63
N ASN B 113 6.28 0.33 -2.48
CA ASN B 113 5.98 -1.11 -2.45
CA ASN B 113 6.05 -1.07 -2.20
C ASN B 113 4.67 -1.31 -1.65
N MET B 114 3.62 -0.77 -2.28
CA MET B 114 2.27 -0.76 -1.72
CA MET B 114 2.29 -0.81 -1.69
C MET B 114 1.35 -1.73 -2.44
N TYR B 115 0.53 -2.44 -1.65
CA TYR B 115 -0.41 -3.42 -2.16
C TYR B 115 -1.78 -3.07 -1.63
N ILE B 116 -2.76 -3.08 -2.53
CA ILE B 116 -4.13 -2.65 -2.21
C ILE B 116 -5.12 -3.78 -2.50
N PRO B 117 -5.92 -4.18 -1.49
CA PRO B 117 -6.98 -5.14 -1.75
C PRO B 117 -8.17 -4.43 -2.38
N VAL B 118 -8.34 -4.59 -3.69
CA VAL B 118 -9.39 -3.82 -4.41
C VAL B 118 -10.75 -4.53 -4.51
N GLY B 119 -10.82 -5.74 -3.99
CA GLY B 119 -12.03 -6.55 -4.08
C GLY B 119 -12.32 -7.08 -5.49
N GLN B 120 -13.59 -7.04 -5.87
CA GLN B 120 -14.04 -7.66 -7.11
C GLN B 120 -13.58 -6.94 -8.36
N VAL B 121 -13.22 -7.71 -9.38
CA VAL B 121 -12.84 -7.15 -10.69
C VAL B 121 -13.83 -7.64 -11.73
N THR B 122 -14.42 -6.69 -12.46
CA THR B 122 -15.43 -6.95 -13.46
C THR B 122 -14.89 -6.58 -14.83
N ASP B 123 -15.23 -7.37 -15.84
CA ASP B 123 -14.95 -7.04 -17.22
C ASP B 123 -15.97 -6.00 -17.66
N TYR B 124 -15.57 -4.74 -17.61
CA TYR B 124 -16.45 -3.63 -17.92
C TYR B 124 -16.61 -3.40 -19.41
N GLY B 125 -15.52 -3.58 -20.15
CA GLY B 125 -15.55 -3.49 -21.61
C GLY B 125 -15.21 -2.09 -22.09
N PHE B 126 -16.18 -1.47 -22.75
CA PHE B 126 -15.97 -0.18 -23.37
C PHE B 126 -16.03 0.96 -22.37
N LEU B 127 -15.08 1.88 -22.49
CA LEU B 127 -15.07 3.11 -21.72
C LEU B 127 -14.46 4.25 -22.54
N ASN B 128 -15.10 5.41 -22.48
CA ASN B 128 -14.42 6.61 -22.93
C ASN B 128 -13.53 7.10 -21.79
N LEU B 129 -12.23 6.83 -21.92
CA LEU B 129 -11.25 7.11 -20.88
C LEU B 129 -10.33 8.26 -21.28
N GLY B 130 -10.34 9.32 -20.47
CA GLY B 130 -9.59 10.54 -20.77
C GLY B 130 -9.90 11.11 -22.13
N GLY B 131 -11.11 10.86 -22.63
CA GLY B 131 -11.53 11.37 -23.94
C GLY B 131 -11.30 10.42 -25.11
N THR B 132 -10.60 9.31 -24.87
CA THR B 132 -10.33 8.32 -25.91
C THR B 132 -11.20 7.07 -25.74
N PRO B 133 -11.94 6.68 -26.80
CA PRO B 133 -12.69 5.41 -26.76
C PRO B 133 -11.75 4.23 -26.55
N THR B 134 -11.99 3.44 -25.51
CA THR B 134 -11.05 2.42 -25.08
C THR B 134 -11.82 1.13 -24.77
N LYS B 135 -11.20 -0.01 -25.07
CA LYS B 135 -11.83 -1.31 -24.85
C LYS B 135 -11.03 -2.17 -23.88
N ARG B 136 -11.66 -3.28 -23.46
CA ARG B 136 -11.07 -4.29 -22.57
C ARG B 136 -10.69 -3.71 -21.20
N MET B 137 -11.55 -2.84 -20.70
CA MET B 137 -11.39 -2.25 -19.37
C MET B 137 -11.93 -3.17 -18.30
N LEU B 138 -11.11 -3.37 -17.26
CA LEU B 138 -11.51 -4.07 -16.04
C LEU B 138 -11.74 -3.03 -14.95
N VAL B 139 -12.84 -3.18 -14.21
CA VAL B 139 -13.23 -2.19 -13.20
C VAL B 139 -13.21 -2.77 -11.78
N TYR B 140 -12.81 -1.92 -10.84
CA TYR B 140 -12.78 -2.28 -9.42
C TYR B 140 -13.00 -1.01 -8.60
N ASN B 141 -13.50 -1.20 -7.38
CA ASN B 141 -13.86 -0.08 -6.53
C ASN B 141 -12.94 0.09 -5.33
N PHE B 142 -12.18 1.19 -5.36
CA PHE B 142 -11.31 1.57 -4.25
CA PHE B 142 -11.25 1.54 -4.30
C PHE B 142 -10.98 3.06 -4.36
N PRO B 143 -10.52 3.69 -3.25
CA PRO B 143 -10.19 5.12 -3.39
C PRO B 143 -8.97 5.36 -4.29
N THR B 144 -9.21 5.72 -5.54
CA THR B 144 -8.14 5.87 -6.54
C THR B 144 -7.31 7.14 -6.31
N ARG B 145 -6.04 7.09 -6.73
CA ARG B 145 -5.12 8.23 -6.58
C ARG B 145 -4.19 8.41 -7.79
N ALA B 146 -3.82 9.66 -8.04
CA ALA B 146 -2.79 9.96 -9.04
C ALA B 146 -1.47 9.26 -8.68
N GLY B 147 -0.76 8.80 -9.72
CA GLY B 147 0.52 8.11 -9.55
C GLY B 147 0.42 6.59 -9.43
N GLN B 148 -0.79 6.06 -9.58
CA GLN B 148 -1.00 4.62 -9.49
C GLN B 148 -1.03 3.95 -10.86
N CYS B 149 -0.86 4.72 -11.94
CA CYS B 149 -0.87 4.09 -13.28
C CYS B 149 0.33 3.17 -13.50
N GLY B 150 0.07 2.06 -14.18
CA GLY B 150 1.06 1.03 -14.36
C GLY B 150 0.97 0.01 -13.24
N GLY B 151 0.22 0.33 -12.18
CA GLY B 151 0.01 -0.60 -11.07
C GLY B 151 -0.43 -1.94 -11.64
N VAL B 152 0.03 -3.03 -11.04
CA VAL B 152 -0.21 -4.37 -11.56
C VAL B 152 -1.35 -5.01 -10.80
N LEU B 153 -2.42 -5.38 -11.53
CA LEU B 153 -3.62 -5.96 -10.95
C LEU B 153 -3.51 -7.49 -11.01
N MET B 154 -3.56 -8.13 -9.84
CA MET B 154 -3.31 -9.57 -9.71
C MET B 154 -4.31 -10.30 -8.82
N SER B 155 -4.41 -11.60 -9.05
CA SER B 155 -5.11 -12.50 -8.14
C SER B 155 -4.24 -13.73 -8.02
N THR B 156 -4.71 -14.74 -7.27
CA THR B 156 -3.94 -15.97 -7.09
C THR B 156 -3.58 -16.58 -8.44
N GLY B 157 -2.27 -16.63 -8.72
CA GLY B 157 -1.74 -17.20 -9.96
C GLY B 157 -2.08 -16.51 -11.27
N LYS B 158 -2.51 -15.26 -11.21
CA LYS B 158 -2.98 -14.55 -12.41
C LYS B 158 -2.52 -13.10 -12.40
N VAL B 159 -1.98 -12.64 -13.53
CA VAL B 159 -1.83 -11.20 -13.78
C VAL B 159 -2.99 -10.78 -14.69
N LEU B 160 -3.85 -9.91 -14.16
CA LEU B 160 -5.09 -9.52 -14.84
CA LEU B 160 -5.08 -9.52 -14.85
C LEU B 160 -4.91 -8.34 -15.78
N GLY B 161 -4.13 -7.35 -15.35
CA GLY B 161 -4.05 -6.11 -16.09
C GLY B 161 -3.18 -5.07 -15.44
N ILE B 162 -3.19 -3.89 -16.05
CA ILE B 162 -2.38 -2.76 -15.68
C ILE B 162 -3.28 -1.56 -15.44
N HIS B 163 -3.14 -0.89 -14.29
CA HIS B 163 -3.98 0.25 -13.95
C HIS B 163 -3.75 1.44 -14.90
N VAL B 164 -4.83 1.95 -15.49
CA VAL B 164 -4.67 3.05 -16.48
C VAL B 164 -5.51 4.29 -16.21
N GLY B 165 -6.48 4.19 -15.31
CA GLY B 165 -7.29 5.37 -15.03
C GLY B 165 -8.35 5.13 -14.00
N GLY B 166 -9.18 6.14 -13.82
CA GLY B 166 -10.25 6.08 -12.85
C GLY B 166 -10.61 7.46 -12.37
N ASN B 167 -11.56 7.49 -11.43
CA ASN B 167 -11.98 8.72 -10.80
CA ASN B 167 -12.04 8.72 -10.84
C ASN B 167 -12.75 8.38 -9.53
N GLY B 168 -12.55 9.20 -8.50
CA GLY B 168 -13.18 8.97 -7.20
C GLY B 168 -12.84 7.59 -6.69
N HIS B 169 -13.87 6.77 -6.54
CA HIS B 169 -13.69 5.44 -5.95
C HIS B 169 -13.81 4.31 -6.97
N GLN B 170 -13.47 4.62 -8.22
CA GLN B 170 -13.54 3.65 -9.31
C GLN B 170 -12.22 3.65 -10.06
N GLY B 171 -11.63 2.46 -10.20
CA GLY B 171 -10.39 2.27 -10.97
C GLY B 171 -10.57 1.33 -12.14
N PHE B 172 -9.73 1.53 -13.17
CA PHE B 172 -9.80 0.73 -14.40
C PHE B 172 -8.41 0.25 -14.79
N SER B 173 -8.35 -1.02 -15.17
CA SER B 173 -7.13 -1.61 -15.73
C SER B 173 -7.37 -2.01 -17.18
N ALA B 174 -6.35 -1.86 -18.00
CA ALA B 174 -6.32 -2.51 -19.30
C ALA B 174 -5.99 -3.98 -19.10
N ALA B 175 -6.82 -4.87 -19.65
CA ALA B 175 -6.58 -6.31 -19.51
C ALA B 175 -5.26 -6.67 -20.20
N LEU B 176 -4.47 -7.52 -19.54
CA LEU B 176 -3.17 -7.89 -20.10
C LEU B 176 -3.28 -9.30 -20.69
N LEU B 177 -3.55 -9.36 -21.99
CA LEU B 177 -3.83 -10.64 -22.65
C LEU B 177 -2.60 -11.26 -23.27
N ARG B 178 -2.56 -12.59 -23.24
CA ARG B 178 -1.39 -13.34 -23.67
C ARG B 178 -0.99 -13.06 -25.13
N HIS B 179 -1.97 -12.92 -26.02
CA HIS B 179 -1.70 -12.78 -27.45
C HIS B 179 -1.01 -11.46 -27.82
N TYR B 180 -1.03 -10.50 -26.91
CA TYR B 180 -0.34 -9.22 -27.13
C TYR B 180 1.16 -9.40 -27.29
N PHE B 181 1.66 -10.51 -26.78
CA PHE B 181 3.09 -10.80 -26.78
C PHE B 181 3.39 -11.93 -27.77
N ASN B 182 2.67 -11.88 -28.90
CA ASN B 182 2.80 -12.79 -30.06
C ASN B 182 1.87 -14.00 -30.02
C01 AG7 C . 10.50 11.65 13.14
C02 AG7 C . 9.44 12.47 13.83
O03 AG7 C . 10.27 10.53 12.69
C04 AG7 C . 8.04 11.83 13.81
C05 AG7 C . 7.10 12.63 14.72
C06 AG7 C . 7.55 12.62 16.16
C07 AG7 C . 7.90 13.83 16.78
C08 AG7 C . 8.33 13.83 18.12
C09 AG7 C . 8.39 12.62 18.82
C10 AG7 C . 8.04 11.43 18.20
C11 AG7 C . 7.62 11.42 16.87
N12 AG7 C . 6.80 10.69 12.05
C13 AG7 C . 6.18 10.57 10.72
C14 AG7 C . 6.82 9.40 9.95
C15 AG7 C . 8.30 9.64 9.57
C16 AG7 C . 8.88 8.51 8.76
N17 AG7 C . 9.61 8.98 7.84
O18 AG7 C . 8.68 7.32 8.97
C19 AG7 C . 4.69 10.30 10.97
C20 AG7 C . 4.01 11.60 11.40
C20 AG7 C . 4.02 11.58 11.44
C21 AG7 C . 3.14 12.17 10.30
C21 AG7 C . 2.83 11.83 10.56
O22 AG7 C . 1.72 12.42 10.56
O22 AG7 C . 2.14 13.11 10.61
O23 AG7 C . 3.59 12.42 9.20
O23 AG7 C . 2.44 10.95 9.80
C47 AG7 C . 7.49 11.80 12.41
O48 AG7 C . 7.66 12.74 11.64
C50 AG7 C . 1.04 13.50 9.94
C50 AG7 C . 0.84 13.24 10.04
C53 AG7 C . 1.17 14.75 10.79
C53 AG7 C . 0.38 14.67 10.27
C57 AG7 C . 11.87 12.24 12.98
N58 AG7 C . 12.81 11.14 12.72
C59 AG7 C . 13.78 10.83 13.60
O60 AG7 C . 13.98 11.46 14.63
C78 AG7 C . 11.89 13.28 11.85
C81 AG7 C . 13.25 13.98 11.77
F1 AG7 C . 8.79 12.61 20.10
C82 AG7 C . 11.44 12.76 10.48
C83 AG7 C . 9.67 10.43 7.69
C84 AG7 C . 8.55 10.84 8.65
C1 AG7 C . 14.64 9.66 13.29
C2 AG7 C . 15.78 9.25 14.00
C3 AG7 C . 16.15 8.11 13.30
O4 AG7 C . 15.31 7.86 12.29
N5 AG7 C . 14.37 8.81 12.27
C4 AG7 C . 17.34 7.24 13.62
MG MG D . -11.09 22.49 16.27
C01 AG7 E . -8.14 9.38 -16.26
C02 AG7 E . -6.98 9.76 -17.15
O03 AG7 E . -8.09 8.39 -15.54
C04 AG7 E . -5.79 8.81 -16.98
C05 AG7 E . -4.73 9.03 -18.07
C06 AG7 E . -5.26 8.89 -19.48
C07 AG7 E . -5.27 10.02 -20.33
C08 AG7 E . -5.75 9.90 -21.63
C09 AG7 E . -6.21 8.69 -22.11
C10 AG7 E . -6.20 7.57 -21.27
C11 AG7 E . -5.72 7.67 -19.97
N12 AG7 E . -4.69 7.92 -15.00
C13 AG7 E . -4.04 8.04 -13.68
C14 AG7 E . -4.89 7.27 -12.64
C15 AG7 E . -6.23 7.96 -12.35
C16 AG7 E . -7.03 7.26 -11.30
N17 AG7 E . -7.59 8.12 -10.58
O18 AG7 E . -7.12 6.04 -11.15
C19 AG7 E . -2.63 7.43 -13.77
C20 AG7 E . -1.71 8.24 -14.69
C21 AG7 E . -1.14 9.50 -14.08
O22 AG7 E . -1.45 9.91 -12.72
O23 AG7 E . -0.39 10.19 -14.76
C47 AG7 E . -5.13 9.02 -15.64
O48 AG7 E . -5.03 10.13 -15.15
C50 AG7 E . -2.42 10.94 -12.51
C53 AG7 E . -1.89 12.30 -12.96
C57 AG7 E . -9.39 10.23 -16.26
N58 AG7 E . -10.52 9.42 -15.78
C59 AG7 E . -11.53 9.08 -16.60
O60 AG7 E . -11.60 9.42 -17.77
C78 AG7 E . -9.23 11.48 -15.37
C81 AG7 E . -10.44 12.40 -15.43
F1 AG7 E . -6.68 8.57 -23.37
C82 AG7 E . -8.85 11.22 -13.91
C83 AG7 E . -7.21 9.51 -10.74
C84 AG7 E . -6.08 9.37 -11.77
C1 AG7 E . -12.61 8.23 -16.03
C2 AG7 E . -13.79 7.88 -16.69
C3 AG7 E . -14.45 7.10 -15.77
O4 AG7 E . -13.72 6.97 -14.64
N5 AG7 E . -12.59 7.67 -14.79
C4 AG7 E . -15.79 6.46 -15.98
MG MG F . -17.27 -10.46 -2.92
CL CL G . 18.51 2.06 -27.58
#